data_1L6Z
#
_entry.id   1L6Z
#
_cell.length_a   111.26
_cell.length_b   111.26
_cell.length_c   65.64
_cell.angle_alpha   90
_cell.angle_beta   90
_cell.angle_gamma   120
#
_symmetry.space_group_name_H-M   'P 31 2 1'
#
loop_
_entity.id
_entity.type
_entity.pdbx_description
1 polymer 'biliary glycoprotein C'
2 branched beta-D-mannopyranose-(1-4)-2-acetamido-2-deoxy-beta-D-glucopyranose-(1-4)-2-acetamido-2-deoxy-beta-D-glucopyranose
3 non-polymer 2-acetamido-2-deoxy-beta-D-glucopyranose
4 water water
#
_entity_poly.entity_id   1
_entity_poly.type   'polypeptide(L)'
_entity_poly.pdbx_seq_one_letter_code
;EVTIEAVPPQVAEDNNVLLLVHNLPLALGAFAWYKGNTTAIDKEIARFVPNSNMNFTGQAYSGREIIYSNGSLLFQMITM
KDMGVYTLDMTDENYRRTQATVRFHVHQPVTQPFLQVTNTTVKELDSVTLTCLSNDIGANIQWLFNSQSLQLTERMTLSQ
NNSILRIDPIKREDAGEYQCEISNPVSVRRSNSIKLDIIFDPSRLVPRGSHHHHHH
;
_entity_poly.pdbx_strand_id   A
#
loop_
_chem_comp.id
_chem_comp.type
_chem_comp.name
_chem_comp.formula
BMA D-saccharide, beta linking beta-D-mannopyranose 'C6 H12 O6'
NAG D-saccharide, beta linking 2-acetamido-2-deoxy-beta-D-glucopyranose 'C8 H15 N O6'
#
# COMPACT_ATOMS: atom_id res chain seq x y z
N GLU A 1 18.88 -9.39 18.72
CA GLU A 1 17.59 -9.93 19.26
C GLU A 1 16.58 -10.43 18.23
N VAL A 2 15.32 -10.21 18.58
CA VAL A 2 14.12 -10.59 17.83
C VAL A 2 13.67 -9.52 16.86
N THR A 3 13.77 -9.85 15.58
CA THR A 3 13.37 -8.92 14.57
C THR A 3 12.37 -9.68 13.73
N ILE A 4 11.27 -9.04 13.42
CA ILE A 4 10.28 -9.69 12.60
C ILE A 4 9.89 -8.74 11.48
N GLU A 5 10.22 -9.14 10.25
CA GLU A 5 9.93 -8.33 9.09
C GLU A 5 8.94 -9.10 8.26
N ALA A 6 8.17 -8.42 7.42
CA ALA A 6 7.19 -9.11 6.60
C ALA A 6 7.55 -8.96 5.15
N VAL A 7 7.81 -10.07 4.49
CA VAL A 7 8.12 -9.96 3.08
C VAL A 7 7.02 -10.60 2.26
N PRO A 8 6.42 -9.80 1.39
CA PRO A 8 6.83 -8.40 1.27
C PRO A 8 6.09 -7.47 2.22
N PRO A 9 6.78 -6.48 2.83
CA PRO A 9 5.99 -5.61 3.69
C PRO A 9 5.12 -4.89 2.68
N GLN A 10 3.85 -4.63 2.97
CA GLN A 10 2.99 -3.99 1.98
C GLN A 10 2.64 -5.05 0.93
N VAL A 11 1.64 -5.87 1.25
CA VAL A 11 1.23 -6.94 0.35
C VAL A 11 0.08 -6.57 -0.56
N ALA A 12 -0.08 -7.35 -1.62
CA ALA A 12 -1.16 -7.10 -2.56
C ALA A 12 -2.24 -8.15 -2.48
N GLU A 13 -3.47 -7.72 -2.67
CA GLU A 13 -4.61 -8.61 -2.66
C GLU A 13 -4.24 -9.88 -3.43
N ASP A 14 -4.92 -10.97 -3.12
CA ASP A 14 -4.68 -12.27 -3.76
C ASP A 14 -3.22 -12.55 -4.15
N ASN A 15 -2.32 -12.20 -3.22
CA ASN A 15 -0.87 -12.40 -3.33
C ASN A 15 -0.39 -12.85 -1.95
N ASN A 16 0.80 -13.43 -1.86
CA ASN A 16 1.32 -13.95 -0.59
C ASN A 16 2.21 -13.07 0.29
N VAL A 17 2.45 -13.54 1.52
CA VAL A 17 3.30 -12.82 2.47
C VAL A 17 3.92 -13.71 3.51
N LEU A 18 5.12 -13.35 3.92
CA LEU A 18 5.84 -14.10 4.93
C LEU A 18 6.15 -13.24 6.15
N LEU A 19 5.99 -13.86 7.31
CA LEU A 19 6.25 -13.20 8.58
C LEU A 19 7.63 -13.63 9.01
N LEU A 20 8.63 -12.87 8.59
CA LEU A 20 10.01 -13.17 8.91
C LEU A 20 10.35 -13.00 10.37
N VAL A 21 11.11 -13.96 10.87
CA VAL A 21 11.54 -13.97 12.26
C VAL A 21 13.06 -14.05 12.32
N HIS A 22 13.73 -12.90 12.46
CA HIS A 22 15.20 -12.89 12.54
C HIS A 22 15.64 -13.27 13.93
N ASN A 23 16.85 -13.80 14.00
CA ASN A 23 17.46 -14.21 15.24
C ASN A 23 16.43 -14.51 16.32
N LEU A 24 15.88 -15.70 16.19
CA LEU A 24 14.87 -16.26 17.06
C LEU A 24 15.67 -17.00 18.13
N PRO A 25 15.81 -16.39 19.32
CA PRO A 25 16.57 -16.99 20.42
C PRO A 25 16.37 -18.43 20.83
N LEU A 26 17.47 -18.95 21.40
CA LEU A 26 17.66 -20.28 21.94
C LEU A 26 16.45 -21.19 21.88
N ALA A 27 16.67 -22.44 21.47
CA ALA A 27 15.57 -23.37 21.29
C ALA A 27 14.62 -23.73 22.43
N LEU A 28 13.64 -22.83 22.48
CA LEU A 28 12.51 -22.79 23.36
C LEU A 28 11.70 -24.05 23.41
N GLY A 29 10.57 -23.93 24.09
CA GLY A 29 9.64 -25.03 24.19
C GLY A 29 8.80 -24.97 22.94
N ALA A 30 8.48 -23.77 22.47
CA ALA A 30 7.66 -23.63 21.27
C ALA A 30 7.24 -22.20 20.98
N PHE A 31 6.75 -21.96 19.77
CA PHE A 31 6.28 -20.63 19.40
C PHE A 31 4.81 -20.63 19.01
N ALA A 32 4.19 -19.47 19.10
CA ALA A 32 2.78 -19.30 18.78
C ALA A 32 2.57 -18.04 17.94
N TRP A 33 1.79 -18.17 16.88
CA TRP A 33 1.53 -17.04 16.00
C TRP A 33 0.08 -16.59 16.14
N TYR A 34 -0.10 -15.42 16.72
CA TYR A 34 -1.44 -14.86 16.91
C TYR A 34 -1.69 -13.65 16.03
N LYS A 35 -2.97 -13.31 15.90
CA LYS A 35 -3.39 -12.19 15.08
C LYS A 35 -3.95 -11.09 15.99
N GLY A 36 -3.49 -9.86 15.81
CA GLY A 36 -4.03 -8.76 16.58
C GLY A 36 -3.55 -8.33 17.95
N ASN A 37 -2.35 -8.70 18.38
CA ASN A 37 -1.87 -8.25 19.69
C ASN A 37 -2.50 -9.01 20.88
N THR A 38 -3.64 -9.67 20.66
CA THR A 38 -4.28 -10.42 21.76
C THR A 38 -3.47 -11.67 22.06
N THR A 39 -2.81 -11.71 23.21
CA THR A 39 -2.02 -12.88 23.62
C THR A 39 -3.02 -13.92 24.14
N ALA A 40 -4.17 -13.97 23.50
CA ALA A 40 -5.24 -14.87 23.91
C ALA A 40 -5.51 -16.06 23.00
N ILE A 41 -5.62 -17.23 23.62
CA ILE A 41 -5.91 -18.49 22.94
C ILE A 41 -7.10 -18.27 22.01
N ASP A 42 -7.82 -17.18 22.27
CA ASP A 42 -8.97 -16.80 21.48
C ASP A 42 -8.54 -16.85 20.03
N LYS A 43 -7.32 -16.40 19.79
CA LYS A 43 -6.78 -16.33 18.44
C LYS A 43 -5.44 -17.03 18.22
N GLU A 44 -5.40 -18.35 18.38
CA GLU A 44 -4.16 -19.08 18.15
C GLU A 44 -4.17 -19.74 16.79
N ILE A 45 -3.22 -19.37 15.94
CA ILE A 45 -3.15 -19.95 14.61
C ILE A 45 -2.14 -21.06 14.45
N ALA A 46 -1.09 -21.02 15.25
CA ALA A 46 -0.07 -22.05 15.14
C ALA A 46 0.88 -22.10 16.32
N ARG A 47 1.28 -23.32 16.65
CA ARG A 47 2.21 -23.58 17.74
C ARG A 47 3.12 -24.72 17.33
N PHE A 48 4.37 -24.39 17.07
CA PHE A 48 5.34 -25.40 16.68
C PHE A 48 6.19 -25.63 17.92
N VAL A 49 6.64 -26.86 18.09
CA VAL A 49 7.42 -27.21 19.27
C VAL A 49 8.76 -27.84 18.97
N PRO A 50 9.85 -27.16 19.39
CA PRO A 50 11.21 -27.67 19.17
C PRO A 50 11.42 -29.07 19.75
N ASN A 51 11.76 -29.10 21.03
CA ASN A 51 12.04 -30.32 21.75
C ASN A 51 11.40 -31.60 21.18
N SER A 52 10.26 -31.48 20.51
CA SER A 52 9.63 -32.65 19.90
C SER A 52 8.88 -32.28 18.62
N ASN A 53 9.60 -31.73 17.66
CA ASN A 53 9.06 -31.30 16.37
C ASN A 53 7.65 -31.79 16.03
N MET A 54 6.69 -30.86 16.03
CA MET A 54 5.30 -31.19 15.70
C MET A 54 4.42 -29.96 15.53
N ASN A 55 3.55 -30.05 14.54
CA ASN A 55 2.64 -28.98 14.17
C ASN A 55 1.24 -28.96 14.73
N PHE A 56 0.99 -28.28 15.83
CA PHE A 56 -0.40 -28.21 16.26
C PHE A 56 -0.92 -26.80 15.99
N THR A 57 -2.13 -26.71 15.48
CA THR A 57 -2.75 -25.43 15.17
C THR A 57 -3.74 -25.00 16.25
N GLY A 58 -4.09 -23.71 16.25
CA GLY A 58 -5.04 -23.20 17.22
C GLY A 58 -6.37 -22.95 16.55
N GLN A 59 -7.30 -22.33 17.27
CA GLN A 59 -8.63 -22.04 16.73
C GLN A 59 -8.46 -20.99 15.63
N ALA A 60 -7.46 -21.17 14.79
CA ALA A 60 -7.19 -20.22 13.74
C ALA A 60 -7.24 -20.69 12.31
N TYR A 61 -8.18 -20.09 11.60
CA TYR A 61 -8.43 -20.30 10.18
C TYR A 61 -7.62 -21.38 9.47
N SER A 62 -6.30 -21.26 9.52
CA SER A 62 -5.37 -22.18 8.89
C SER A 62 -5.83 -22.62 7.50
N GLY A 63 -6.50 -21.72 6.80
CA GLY A 63 -6.95 -22.06 5.46
C GLY A 63 -5.81 -21.79 4.51
N ARG A 64 -4.89 -20.92 4.94
CA ARG A 64 -3.74 -20.55 4.13
C ARG A 64 -2.65 -19.86 4.96
N GLU A 65 -2.07 -20.58 5.91
CA GLU A 65 -1.03 -20.02 6.75
C GLU A 65 -0.05 -21.11 7.13
N ILE A 66 1.22 -20.76 7.32
CA ILE A 66 2.19 -21.76 7.71
C ILE A 66 3.28 -21.25 8.64
N ILE A 67 3.58 -22.06 9.64
CA ILE A 67 4.60 -21.75 10.64
C ILE A 67 5.85 -22.54 10.24
N TYR A 68 7.03 -22.06 10.62
CA TYR A 68 8.26 -22.75 10.28
C TYR A 68 9.14 -23.01 11.50
N SER A 69 10.17 -23.83 11.30
CA SER A 69 11.10 -24.18 12.37
C SER A 69 11.91 -22.96 12.78
N ASN A 70 12.16 -22.06 11.83
CA ASN A 70 12.90 -20.84 12.16
C ASN A 70 11.87 -19.97 12.85
N GLY A 71 10.67 -20.54 12.98
CA GLY A 71 9.57 -19.87 13.62
C GLY A 71 8.97 -18.74 12.81
N SER A 72 8.59 -19.02 11.58
CA SER A 72 8.03 -17.98 10.74
C SER A 72 6.71 -18.37 10.09
N LEU A 73 5.99 -17.36 9.60
CA LEU A 73 4.70 -17.62 9.01
C LEU A 73 4.44 -17.05 7.63
N LEU A 74 4.15 -17.93 6.69
CA LEU A 74 3.82 -17.45 5.36
C LEU A 74 2.33 -17.27 5.43
N PHE A 75 1.81 -16.39 4.61
CA PHE A 75 0.40 -16.15 4.58
C PHE A 75 0.01 -16.10 3.14
N GLN A 76 -0.78 -17.07 2.73
CA GLN A 76 -1.23 -17.12 1.35
C GLN A 76 -2.42 -16.21 1.27
N MET A 77 -2.94 -16.03 0.06
CA MET A 77 -4.10 -15.17 -0.19
C MET A 77 -4.54 -14.33 0.99
N ILE A 78 -3.90 -13.18 1.16
CA ILE A 78 -4.26 -12.26 2.24
C ILE A 78 -5.38 -11.40 1.71
N THR A 79 -6.16 -10.81 2.61
CA THR A 79 -7.26 -9.97 2.16
C THR A 79 -7.46 -8.83 3.14
N MET A 80 -8.03 -7.74 2.65
CA MET A 80 -8.27 -6.57 3.50
C MET A 80 -8.54 -6.99 4.94
N LYS A 81 -9.31 -8.07 5.08
CA LYS A 81 -9.68 -8.61 6.39
C LYS A 81 -8.48 -9.17 7.15
N ASP A 82 -7.47 -9.60 6.40
CA ASP A 82 -6.24 -10.17 6.95
C ASP A 82 -5.26 -9.07 7.33
N MET A 83 -5.56 -7.85 6.90
CA MET A 83 -4.72 -6.70 7.19
C MET A 83 -4.58 -6.46 8.68
N GLY A 84 -3.50 -5.79 9.07
CA GLY A 84 -3.29 -5.50 10.47
C GLY A 84 -2.05 -6.10 11.09
N VAL A 85 -1.97 -6.01 12.42
CA VAL A 85 -0.83 -6.52 13.17
C VAL A 85 -0.99 -7.97 13.59
N TYR A 86 0.14 -8.66 13.67
CA TYR A 86 0.15 -10.04 14.08
C TYR A 86 1.19 -10.17 15.16
N THR A 87 1.02 -11.18 16.02
CA THR A 87 1.96 -11.39 17.10
C THR A 87 2.35 -12.83 17.34
N LEU A 88 3.62 -13.01 17.62
CA LEU A 88 4.15 -14.31 17.87
C LEU A 88 4.63 -14.35 19.31
N ASP A 89 4.45 -15.50 19.95
CA ASP A 89 4.89 -15.64 21.31
C ASP A 89 5.68 -16.91 21.37
N MET A 90 6.72 -16.88 22.16
CA MET A 90 7.57 -18.04 22.30
C MET A 90 7.76 -18.32 23.77
N THR A 91 8.10 -19.56 24.08
CA THR A 91 8.29 -19.95 25.46
C THR A 91 9.19 -21.14 25.63
N ASP A 92 9.96 -21.08 26.71
CA ASP A 92 10.88 -22.12 27.12
C ASP A 92 10.69 -21.97 28.61
N GLU A 93 10.22 -23.00 29.31
CA GLU A 93 10.02 -22.76 30.73
C GLU A 93 11.26 -22.41 31.51
N ASN A 94 11.27 -21.12 31.77
CA ASN A 94 12.27 -20.37 32.48
C ASN A 94 11.76 -19.02 32.01
N TYR A 95 11.20 -19.00 30.80
CA TYR A 95 10.61 -17.79 30.24
C TYR A 95 9.83 -17.84 28.91
N ARG A 96 8.75 -17.05 28.87
CA ARG A 96 7.88 -16.91 27.71
C ARG A 96 7.92 -15.44 27.30
N ARG A 97 8.41 -15.14 26.10
CA ARG A 97 8.48 -13.75 25.63
C ARG A 97 7.53 -13.58 24.47
N THR A 98 6.87 -12.42 24.42
CA THR A 98 5.90 -12.13 23.35
C THR A 98 6.52 -11.35 22.21
N GLN A 99 6.93 -10.13 22.53
CA GLN A 99 7.58 -9.19 21.60
C GLN A 99 7.51 -9.51 20.09
N ALA A 100 6.31 -9.61 19.56
CA ALA A 100 6.14 -9.90 18.14
C ALA A 100 5.30 -8.86 17.40
N THR A 101 5.63 -7.59 17.61
CA THR A 101 4.91 -6.54 16.91
C THR A 101 5.25 -6.70 15.43
N VAL A 102 4.23 -6.77 14.59
CA VAL A 102 4.46 -6.89 13.16
C VAL A 102 3.18 -6.68 12.37
N ARG A 103 3.11 -5.50 11.77
CA ARG A 103 1.95 -5.11 10.99
C ARG A 103 2.40 -4.95 9.55
N PHE A 104 1.49 -5.20 8.63
CA PHE A 104 1.80 -5.05 7.22
C PHE A 104 0.54 -4.49 6.58
N HIS A 105 0.60 -4.14 5.30
CA HIS A 105 -0.55 -3.57 4.63
C HIS A 105 -0.98 -4.30 3.35
N VAL A 106 -2.28 -4.38 3.14
CA VAL A 106 -2.82 -5.04 1.96
C VAL A 106 -3.23 -3.96 0.99
N HIS A 107 -3.33 -4.32 -0.28
CA HIS A 107 -3.72 -3.33 -1.26
C HIS A 107 -4.54 -3.81 -2.43
N GLN A 108 -5.48 -2.95 -2.80
CA GLN A 108 -6.36 -3.21 -3.91
C GLN A 108 -5.61 -2.71 -5.14
N PRO A 109 -5.37 -3.59 -6.10
CA PRO A 109 -4.65 -3.18 -7.32
C PRO A 109 -5.39 -2.00 -7.93
N VAL A 110 -4.66 -1.00 -8.41
CA VAL A 110 -5.31 0.18 -8.97
C VAL A 110 -5.96 -0.02 -10.31
N THR A 111 -6.79 0.94 -10.68
CA THR A 111 -7.48 0.91 -11.97
C THR A 111 -7.04 2.16 -12.71
N GLN A 112 -7.28 2.18 -14.02
CA GLN A 112 -6.90 3.33 -14.83
C GLN A 112 -7.89 4.47 -14.64
N PRO A 113 -7.39 5.72 -14.57
CA PRO A 113 -8.24 6.90 -14.40
C PRO A 113 -8.72 7.43 -15.75
N PHE A 114 -8.74 8.74 -15.88
CA PHE A 114 -9.15 9.39 -17.12
C PHE A 114 -9.46 10.86 -16.86
N LEU A 115 -8.64 11.71 -17.45
CA LEU A 115 -8.80 13.15 -17.31
C LEU A 115 -10.01 13.60 -18.08
N GLN A 116 -10.44 14.81 -17.76
CA GLN A 116 -11.57 15.44 -18.41
C GLN A 116 -11.13 16.87 -18.33
N VAL A 117 -11.09 17.56 -19.45
CA VAL A 117 -10.71 18.94 -19.44
C VAL A 117 -11.69 19.60 -20.35
N THR A 118 -12.08 20.81 -20.01
CA THR A 118 -13.02 21.50 -20.84
C THR A 118 -12.29 22.62 -21.57
N ASN A 119 -12.15 22.40 -22.87
CA ASN A 119 -11.48 23.32 -23.77
C ASN A 119 -9.96 23.21 -23.81
N THR A 120 -9.48 22.37 -24.71
CA THR A 120 -8.05 22.18 -24.88
C THR A 120 -7.52 23.54 -25.32
N THR A 121 -8.41 24.34 -25.88
CA THR A 121 -8.07 25.67 -26.37
C THR A 121 -8.30 26.73 -25.30
N VAL A 122 -7.21 27.34 -24.83
CA VAL A 122 -7.35 28.38 -23.81
C VAL A 122 -6.47 29.60 -24.02
N LYS A 123 -6.94 30.69 -23.41
CA LYS A 123 -6.32 32.00 -23.47
C LYS A 123 -5.32 32.27 -22.35
N GLU A 124 -4.26 32.99 -22.69
CA GLU A 124 -3.24 33.35 -21.71
C GLU A 124 -3.93 34.18 -20.64
N LEU A 125 -3.77 33.77 -19.39
CA LEU A 125 -4.37 34.46 -18.26
C LEU A 125 -5.85 34.13 -18.06
N ASP A 126 -6.21 32.91 -18.48
CA ASP A 126 -7.58 32.42 -18.33
C ASP A 126 -7.52 31.20 -17.41
N SER A 127 -8.49 30.30 -17.49
CA SER A 127 -8.47 29.13 -16.63
C SER A 127 -8.52 27.79 -17.33
N VAL A 128 -8.10 26.76 -16.62
CA VAL A 128 -8.12 25.39 -17.10
C VAL A 128 -8.29 24.57 -15.84
N THR A 129 -8.81 23.35 -15.97
CA THR A 129 -9.00 22.54 -14.79
C THR A 129 -9.01 21.07 -15.10
N LEU A 130 -7.83 20.46 -15.04
CA LEU A 130 -7.76 19.05 -15.30
C LEU A 130 -8.34 18.38 -14.09
N THR A 131 -9.11 17.33 -14.32
CA THR A 131 -9.72 16.60 -13.23
C THR A 131 -9.42 15.16 -13.56
N CYS A 132 -8.78 14.48 -12.62
CA CYS A 132 -8.41 13.09 -12.83
C CYS A 132 -9.47 12.15 -12.28
N LEU A 133 -10.35 11.72 -13.16
CA LEU A 133 -11.44 10.83 -12.78
C LEU A 133 -10.99 9.44 -12.40
N SER A 134 -11.34 9.05 -11.18
CA SER A 134 -10.99 7.72 -10.71
C SER A 134 -12.02 7.17 -9.76
N ASN A 135 -12.14 5.85 -9.78
CA ASN A 135 -13.06 5.15 -8.92
C ASN A 135 -12.16 4.11 -8.30
N ASP A 136 -11.67 4.48 -7.14
CA ASP A 136 -10.76 3.66 -6.36
C ASP A 136 -10.56 4.59 -5.20
N ILE A 137 -10.74 4.13 -3.97
CA ILE A 137 -10.46 5.06 -2.93
C ILE A 137 -9.41 4.54 -1.99
N GLY A 138 -8.41 5.39 -1.85
CA GLY A 138 -7.20 5.15 -1.09
C GLY A 138 -6.31 5.58 -2.22
N ALA A 139 -6.19 6.90 -2.41
CA ALA A 139 -5.43 7.45 -3.53
C ALA A 139 -4.10 8.17 -3.30
N ASN A 140 -3.35 8.23 -4.40
CA ASN A 140 -2.06 8.91 -4.47
C ASN A 140 -1.97 9.36 -5.93
N ILE A 141 -2.67 10.45 -6.23
CA ILE A 141 -2.67 10.97 -7.58
C ILE A 141 -1.45 11.86 -7.76
N GLN A 142 -0.88 11.82 -8.96
CA GLN A 142 0.28 12.64 -9.29
C GLN A 142 0.07 13.29 -10.66
N TRP A 143 0.39 14.58 -10.76
CA TRP A 143 0.19 15.30 -12.01
C TRP A 143 1.41 15.43 -12.90
N LEU A 144 1.30 14.85 -14.09
CA LEU A 144 2.39 14.90 -15.06
C LEU A 144 2.14 15.88 -16.20
N PHE A 145 3.21 16.57 -16.59
CA PHE A 145 3.18 17.54 -17.67
C PHE A 145 4.26 17.09 -18.64
N ASN A 146 3.88 16.92 -19.90
CA ASN A 146 4.84 16.49 -20.93
C ASN A 146 5.61 15.25 -20.53
N SER A 147 4.95 14.37 -19.78
CA SER A 147 5.56 13.11 -19.33
C SER A 147 6.65 13.26 -18.27
N GLN A 148 6.50 14.26 -17.41
CA GLN A 148 7.44 14.49 -16.33
C GLN A 148 6.67 15.20 -15.25
N SER A 149 7.23 15.24 -14.06
CA SER A 149 6.56 15.86 -12.93
C SER A 149 6.21 17.34 -13.10
N LEU A 150 4.91 17.65 -12.96
CA LEU A 150 4.44 19.03 -13.06
C LEU A 150 4.99 19.70 -11.82
N GLN A 151 5.89 20.67 -11.96
CA GLN A 151 6.49 21.28 -10.78
C GLN A 151 5.55 21.82 -9.73
N LEU A 152 4.31 22.10 -10.11
CA LEU A 152 3.34 22.62 -9.16
C LEU A 152 3.85 23.95 -8.64
N THR A 153 3.09 25.01 -8.90
CA THR A 153 3.50 26.34 -8.48
C THR A 153 2.39 27.22 -7.93
N GLU A 154 2.67 28.51 -7.83
CA GLU A 154 1.74 29.50 -7.29
C GLU A 154 0.43 29.73 -8.05
N ARG A 155 0.52 29.87 -9.37
CA ARG A 155 -0.67 30.12 -10.19
C ARG A 155 -1.53 28.87 -10.38
N MET A 156 -1.14 27.76 -9.77
CA MET A 156 -1.91 26.54 -9.87
C MET A 156 -2.67 26.33 -8.56
N THR A 157 -3.70 25.49 -8.60
CA THR A 157 -4.53 25.21 -7.45
C THR A 157 -5.11 23.83 -7.61
N LEU A 158 -4.93 22.96 -6.61
CA LEU A 158 -5.52 21.64 -6.75
C LEU A 158 -6.11 21.10 -5.46
N SER A 159 -7.31 20.54 -5.58
CA SER A 159 -8.01 20.02 -4.43
C SER A 159 -8.60 18.63 -4.56
N GLN A 160 -9.65 18.39 -3.77
CA GLN A 160 -10.32 17.11 -3.67
C GLN A 160 -9.27 16.06 -3.92
N ASN A 161 -8.42 16.00 -2.91
CA ASN A 161 -7.28 15.13 -2.82
C ASN A 161 -6.58 14.94 -4.13
N ASN A 162 -5.96 16.02 -4.59
CA ASN A 162 -5.22 16.02 -5.85
C ASN A 162 -6.05 15.68 -7.10
N SER A 163 -7.35 15.42 -6.92
CA SER A 163 -8.20 15.05 -8.05
C SER A 163 -8.31 16.17 -9.07
N ILE A 164 -8.90 17.27 -8.64
CA ILE A 164 -9.10 18.42 -9.51
C ILE A 164 -7.91 19.36 -9.51
N LEU A 165 -7.39 19.67 -10.69
CA LEU A 165 -6.26 20.57 -10.81
C LEU A 165 -6.69 21.77 -11.63
N ARG A 166 -6.46 22.96 -11.08
CA ARG A 166 -6.84 24.21 -11.74
C ARG A 166 -5.70 25.20 -11.89
N ILE A 167 -5.26 25.40 -13.13
CA ILE A 167 -4.20 26.34 -13.42
C ILE A 167 -4.84 27.65 -13.78
N ASP A 168 -4.33 28.73 -13.20
CA ASP A 168 -4.87 30.07 -13.44
C ASP A 168 -4.04 31.11 -12.68
N PRO A 169 -3.47 32.10 -13.37
CA PRO A 169 -3.55 32.38 -14.81
C PRO A 169 -2.70 31.44 -15.66
N ILE A 170 -3.22 31.06 -16.81
CA ILE A 170 -2.47 30.16 -17.69
C ILE A 170 -1.48 31.00 -18.48
N LYS A 171 -0.41 30.37 -18.94
CA LYS A 171 0.61 31.05 -19.72
C LYS A 171 1.21 30.08 -20.71
N ARG A 172 1.53 30.57 -21.91
CA ARG A 172 2.06 29.72 -22.96
C ARG A 172 2.96 28.60 -22.46
N GLU A 173 3.75 28.87 -21.42
CA GLU A 173 4.63 27.84 -20.87
C GLU A 173 3.83 26.56 -20.75
N ASP A 174 2.57 26.71 -20.35
CA ASP A 174 1.65 25.59 -20.18
C ASP A 174 1.32 24.89 -21.49
N ALA A 175 2.02 25.25 -22.56
CA ALA A 175 1.80 24.64 -23.87
C ALA A 175 2.37 23.22 -23.83
N GLY A 176 1.51 22.25 -23.51
CA GLY A 176 1.95 20.87 -23.44
C GLY A 176 0.82 19.88 -23.17
N GLU A 177 1.16 18.60 -23.04
CA GLU A 177 0.16 17.57 -22.78
C GLU A 177 0.18 17.10 -21.32
N TYR A 178 -0.94 17.28 -20.64
CA TYR A 178 -1.04 16.92 -19.23
C TYR A 178 -1.65 15.55 -19.01
N GLN A 179 -1.09 14.85 -18.03
CA GLN A 179 -1.52 13.49 -17.70
C GLN A 179 -1.59 13.28 -16.18
N CYS A 180 -2.65 12.64 -15.72
CA CYS A 180 -2.79 12.37 -14.29
C CYS A 180 -2.37 10.93 -14.05
N GLU A 181 -1.82 10.64 -12.88
CA GLU A 181 -1.36 9.30 -12.55
C GLU A 181 -1.71 8.87 -11.13
N ILE A 182 -2.27 7.66 -11.02
CA ILE A 182 -2.67 7.11 -9.73
C ILE A 182 -1.61 6.17 -9.19
N SER A 183 -1.35 6.28 -7.89
CA SER A 183 -0.39 5.42 -7.21
C SER A 183 -1.11 4.64 -6.12
N ASN A 184 -0.48 3.58 -5.67
CA ASN A 184 -0.94 2.64 -4.64
C ASN A 184 0.48 2.40 -4.22
N PRO A 185 0.77 1.38 -3.41
CA PRO A 185 2.22 1.48 -3.35
C PRO A 185 2.46 0.88 -4.74
N VAL A 186 3.50 1.35 -5.41
CA VAL A 186 3.86 0.95 -6.76
C VAL A 186 3.16 -0.25 -7.46
N SER A 187 1.92 0.05 -7.86
CA SER A 187 0.96 -0.80 -8.59
C SER A 187 0.16 0.34 -9.22
N VAL A 188 0.80 1.04 -10.15
CA VAL A 188 0.22 2.22 -10.78
C VAL A 188 -0.43 2.08 -12.15
N ARG A 189 -1.08 3.15 -12.58
CA ARG A 189 -1.73 3.21 -13.88
C ARG A 189 -1.93 4.68 -14.26
N ARG A 190 -1.34 5.07 -15.38
CA ARG A 190 -1.42 6.46 -15.86
C ARG A 190 -2.73 6.73 -16.59
N SER A 191 -3.02 8.01 -16.80
CA SER A 191 -4.24 8.41 -17.47
C SER A 191 -3.97 8.63 -18.94
N ASN A 192 -4.97 9.16 -19.65
CA ASN A 192 -4.85 9.45 -21.07
C ASN A 192 -3.76 10.50 -21.24
N SER A 193 -3.92 11.40 -22.21
CA SER A 193 -2.89 12.41 -22.41
C SER A 193 -3.45 13.74 -22.91
N ILE A 194 -4.49 14.25 -22.27
CA ILE A 194 -5.06 15.51 -22.71
C ILE A 194 -3.98 16.52 -23.06
N LYS A 195 -3.99 16.96 -24.31
CA LYS A 195 -3.02 17.93 -24.76
C LYS A 195 -3.71 19.26 -24.62
N LEU A 196 -2.97 20.26 -24.20
CA LEU A 196 -3.58 21.55 -24.05
C LEU A 196 -2.81 22.58 -24.75
N ASP A 197 -3.45 23.20 -25.71
CA ASP A 197 -2.77 24.26 -26.35
C ASP A 197 -3.48 25.57 -26.26
N ILE A 198 -2.56 26.50 -26.24
CA ILE A 198 -2.81 27.84 -25.97
C ILE A 198 -2.84 28.91 -26.95
N ILE A 199 -3.93 29.67 -26.90
CA ILE A 199 -3.82 30.79 -27.64
C ILE A 199 -4.07 31.90 -26.74
N PHE A 200 -3.49 32.97 -27.13
CA PHE A 200 -3.53 34.12 -26.39
C PHE A 200 -4.43 35.09 -27.08
N ASP A 201 -5.09 35.92 -26.29
CA ASP A 201 -5.99 36.88 -26.86
C ASP A 201 -5.33 38.06 -27.52
N PRO A 202 -4.55 38.87 -26.79
CA PRO A 202 -3.96 39.99 -27.53
C PRO A 202 -2.88 39.65 -28.58
N SER A 203 -2.40 40.70 -29.25
CA SER A 203 -1.34 40.59 -30.26
C SER A 203 -0.45 41.84 -30.30
C1 NAG B . 12.40 -18.93 7.56
C2 NAG B . 13.58 -18.26 6.91
C3 NAG B . 13.04 -17.63 5.65
C4 NAG B . 12.37 -18.71 4.76
C5 NAG B . 11.56 -19.80 5.51
C6 NAG B . 11.56 -21.09 4.69
C7 NAG B . 15.51 -17.04 7.66
C8 NAG B . 16.10 -16.06 8.66
N2 NAG B . 14.21 -17.32 7.81
O3 NAG B . 14.10 -17.00 4.94
O4 NAG B . 11.46 -18.08 3.85
O5 NAG B . 12.09 -20.12 6.83
O6 NAG B . 10.66 -21.00 3.60
O7 NAG B . 16.19 -17.53 6.77
C1 NAG B . 11.81 -18.18 2.51
C2 NAG B . 10.68 -17.71 1.63
C3 NAG B . 11.07 -18.13 0.24
C4 NAG B . 12.22 -17.18 -0.09
C5 NAG B . 13.37 -17.23 0.94
C6 NAG B . 14.16 -15.95 0.89
C7 NAG B . 8.82 -19.30 1.85
C8 NAG B . 7.39 -19.47 2.32
N2 NAG B . 9.34 -18.10 2.03
O3 NAG B . 9.99 -17.93 -0.67
O4 NAG B . 12.74 -17.46 -1.38
O5 NAG B . 12.93 -17.33 2.30
O6 NAG B . 14.95 -15.88 -0.28
O7 NAG B . 9.44 -20.24 1.33
C1 BMA B . 12.83 -16.33 -2.16
C2 BMA B . 14.33 -16.11 -2.52
C3 BMA B . 14.49 -15.10 -3.66
C4 BMA B . 13.54 -15.38 -4.83
C5 BMA B . 12.11 -15.59 -4.32
C6 BMA B . 11.27 -16.18 -5.42
O2 BMA B . 14.96 -17.33 -2.90
O3 BMA B . 15.82 -15.13 -4.15
O4 BMA B . 13.54 -14.27 -5.74
O5 BMA B . 12.09 -16.59 -3.33
O6 BMA B . 11.54 -17.60 -5.54
C1 NAG C . -1.87 -3.79 21.75
C2 NAG C . -1.18 -2.45 21.40
C3 NAG C . -0.08 -2.03 22.40
C4 NAG C . -0.56 -2.22 23.83
C5 NAG C . -0.99 -3.67 23.99
C6 NAG C . -1.37 -4.02 25.42
C7 NAG C . 0.57 -2.14 19.68
C8 NAG C . 0.90 -2.22 18.20
N2 NAG C . -0.68 -2.47 20.02
O3 NAG C . 0.24 -0.67 22.21
O4 NAG C . 0.48 -1.92 24.76
O5 NAG C . -2.15 -3.91 23.16
O6 NAG C . -0.56 -5.08 25.91
O7 NAG C . 1.45 -1.81 20.49
C1 NAG D . 2.31 -27.96 9.98
C2 NAG D . 1.89 -26.81 9.05
C3 NAG D . 1.35 -27.34 7.71
C4 NAG D . 2.29 -28.39 7.11
C5 NAG D . 2.42 -29.50 8.15
C6 NAG D . 3.23 -30.69 7.67
C7 NAG D . 0.75 -24.74 9.45
C8 NAG D . -0.38 -23.99 10.15
N2 NAG D . 0.86 -26.04 9.70
O3 NAG D . 1.18 -26.26 6.80
O4 NAG D . 1.76 -28.89 5.89
O5 NAG D . 3.07 -28.97 9.31
O6 NAG D . 3.54 -31.57 8.74
O7 NAG D . 1.53 -24.15 8.70
C1 NAG E . -14.00 26.98 -25.66
C2 NAG E . -15.34 26.63 -26.29
C3 NAG E . -15.58 27.58 -27.46
C4 NAG E . -15.47 29.05 -27.01
C5 NAG E . -14.19 29.31 -26.20
C6 NAG E . -14.19 30.67 -25.53
C7 NAG E . -16.17 24.37 -26.16
C8 NAG E . -16.14 22.95 -26.70
N2 NAG E . -15.37 25.25 -26.74
O3 NAG E . -16.86 27.35 -28.02
O4 NAG E . -15.50 29.90 -28.15
O5 NAG E . -14.03 28.32 -25.15
O6 NAG E . -13.75 31.69 -26.42
O7 NAG E . -16.91 24.65 -25.21
#